data_7EID
#
_entry.id   7EID
#
_cell.length_a   42.963
_cell.length_b   44.913
_cell.length_c   58.797
_cell.angle_alpha   84.86
_cell.angle_beta   86.09
_cell.angle_gamma   66.33
#
_symmetry.space_group_name_H-M   'P 1'
#
loop_
_entity.id
_entity.type
_entity.pdbx_description
1 polymer 'Protein AF-9'
2 polymer 'Histone H4'
3 non-polymer GLYCEROL
4 water water
#
loop_
_entity_poly.entity_id
_entity_poly.type
_entity_poly.pdbx_seq_one_letter_code
_entity_poly.pdbx_strand_id
1 'polypeptide(L)'
;GSSGSSGMASSCAVQVKLELGHRAQVRKKPTVEGFTHDWMVFVRGPEHSNIQHFVEKVVFHLHESFPRPKRVCKDPPYKV
EESGYAGFILPIEVYFKNKEEPRKVRFDYDLFLHLEGHPPVNHLRCEKLTFNNPTEDFRRKLLKA
;
A,B
2 'polypeptide(L)' KGG(ALY)GLG(ALY)GG C,D
#
# COMPACT_ATOMS: atom_id res chain seq x y z
N MET A 8 32.42 -1.31 -34.19
CA MET A 8 31.64 -1.32 -35.47
C MET A 8 31.69 -2.70 -36.10
N ALA A 9 32.66 -3.53 -35.68
CA ALA A 9 32.74 -4.91 -36.12
C ALA A 9 31.69 -5.75 -35.39
N SER A 10 31.42 -5.39 -34.13
CA SER A 10 30.64 -6.24 -33.24
C SER A 10 29.25 -5.65 -33.01
N SER A 11 28.27 -6.55 -32.94
CA SER A 11 26.88 -6.25 -32.63
C SER A 11 26.42 -7.20 -31.52
N CYS A 12 25.37 -6.79 -30.79
CA CYS A 12 24.97 -7.50 -29.59
C CYS A 12 23.45 -7.54 -29.47
N ALA A 13 22.93 -8.74 -29.15
CA ALA A 13 21.53 -8.93 -28.80
C ALA A 13 21.45 -9.66 -27.47
N VAL A 14 20.85 -9.01 -26.47
CA VAL A 14 20.73 -9.58 -25.14
C VAL A 14 19.27 -9.96 -24.90
N GLN A 15 19.07 -11.21 -24.46
CA GLN A 15 17.75 -11.76 -24.23
C GLN A 15 17.59 -12.06 -22.74
N VAL A 16 16.45 -11.67 -22.16
CA VAL A 16 16.16 -11.94 -20.76
C VAL A 16 14.80 -12.60 -20.62
N LYS A 17 14.71 -13.54 -19.67
CA LYS A 17 13.50 -14.31 -19.46
C LYS A 17 12.76 -13.78 -18.24
N LEU A 18 11.50 -13.42 -18.45
CA LEU A 18 10.59 -13.06 -17.38
C LEU A 18 9.53 -14.15 -17.26
N GLU A 19 9.04 -14.34 -16.04
CA GLU A 19 7.92 -15.24 -15.82
C GLU A 19 6.82 -14.44 -15.11
N LEU A 20 5.66 -14.36 -15.75
CA LEU A 20 4.47 -13.80 -15.13
C LEU A 20 3.56 -14.97 -14.74
N GLY A 21 2.83 -14.83 -13.63
CA GLY A 21 1.92 -15.89 -13.24
C GLY A 21 1.02 -15.49 -12.08
N HIS A 22 0.09 -16.39 -11.75
CA HIS A 22 -0.82 -16.15 -10.65
C HIS A 22 -1.36 -17.47 -10.09
N ARG A 23 -1.74 -17.40 -8.81
CA ARG A 23 -2.49 -18.46 -8.15
C ARG A 23 -3.77 -17.85 -7.63
N ALA A 24 -4.83 -18.66 -7.60
CA ALA A 24 -6.14 -18.23 -7.11
C ALA A 24 -6.85 -19.43 -6.49
N GLN A 25 -7.37 -19.22 -5.28
CA GLN A 25 -8.04 -20.26 -4.51
C GLN A 25 -9.31 -19.68 -3.89
N VAL A 26 -10.38 -20.48 -3.88
CA VAL A 26 -11.62 -20.10 -3.23
C VAL A 26 -11.41 -20.17 -1.72
N ARG A 27 -11.87 -19.12 -1.02
CA ARG A 27 -11.78 -19.05 0.43
C ARG A 27 -12.75 -20.05 1.07
N LYS A 28 -12.41 -20.52 2.27
CA LYS A 28 -13.29 -21.39 3.04
C LYS A 28 -14.54 -20.60 3.42
N LYS A 29 -14.32 -19.36 3.90
CA LYS A 29 -15.41 -18.43 4.14
C LYS A 29 -15.11 -17.11 3.45
N PRO A 30 -16.09 -16.52 2.71
CA PRO A 30 -15.89 -15.21 2.09
C PRO A 30 -15.75 -14.09 3.12
N THR A 31 -15.04 -13.02 2.73
CA THR A 31 -14.79 -11.87 3.59
C THR A 31 -16.10 -11.11 3.82
N VAL A 32 -16.04 -10.14 4.74
CA VAL A 32 -17.19 -9.32 5.12
C VAL A 32 -17.70 -8.55 3.91
N GLU A 33 -16.81 -8.26 2.95
CA GLU A 33 -17.16 -7.48 1.77
C GLU A 33 -17.76 -8.40 0.71
N GLY A 34 -17.61 -9.71 0.90
CA GLY A 34 -18.11 -10.69 -0.05
C GLY A 34 -17.03 -11.13 -1.04
N PHE A 35 -15.76 -11.02 -0.63
CA PHE A 35 -14.65 -11.51 -1.45
C PHE A 35 -14.53 -13.02 -1.26
N THR A 36 -14.63 -13.76 -2.37
CA THR A 36 -14.77 -15.20 -2.34
C THR A 36 -13.45 -15.90 -2.60
N HIS A 37 -12.49 -15.17 -3.20
CA HIS A 37 -11.24 -15.75 -3.66
C HIS A 37 -10.05 -15.02 -3.04
N ASP A 38 -8.99 -15.80 -2.78
CA ASP A 38 -7.67 -15.24 -2.51
C ASP A 38 -6.79 -15.50 -3.73
N TRP A 39 -6.06 -14.46 -4.18
CA TRP A 39 -5.17 -14.65 -5.30
C TRP A 39 -3.83 -13.95 -5.08
N MET A 40 -2.85 -14.31 -5.92
CA MET A 40 -1.53 -13.74 -5.89
C MET A 40 -1.01 -13.69 -7.32
N VAL A 41 -0.50 -12.53 -7.73
CA VAL A 41 0.05 -12.35 -9.07
C VAL A 41 1.54 -11.98 -8.90
N PHE A 42 2.37 -12.39 -9.86
CA PHE A 42 3.80 -12.14 -9.70
C PHE A 42 4.49 -11.93 -11.04
N VAL A 43 5.66 -11.29 -10.96
CA VAL A 43 6.66 -11.25 -12.02
C VAL A 43 7.97 -11.69 -11.37
N ARG A 44 8.65 -12.64 -12.02
CA ARG A 44 9.90 -13.15 -11.50
C ARG A 44 10.80 -13.58 -12.65
N GLY A 45 12.05 -13.91 -12.31
CA GLY A 45 12.96 -14.55 -13.25
C GLY A 45 12.94 -16.06 -13.06
N PRO A 46 13.64 -16.82 -13.94
CA PRO A 46 13.84 -18.25 -13.74
C PRO A 46 14.58 -18.53 -12.43
N GLU A 47 14.68 -19.81 -12.04
CA GLU A 47 15.45 -20.22 -10.89
C GLU A 47 16.90 -19.74 -11.05
N HIS A 48 17.45 -19.19 -9.95
CA HIS A 48 18.85 -18.78 -9.85
C HIS A 48 19.11 -17.50 -10.65
N SER A 49 18.07 -16.69 -10.83
CA SER A 49 18.20 -15.44 -11.57
C SER A 49 18.13 -14.26 -10.59
N ASN A 50 18.60 -13.09 -11.06
CA ASN A 50 18.55 -11.87 -10.26
C ASN A 50 18.09 -10.72 -11.14
N ILE A 51 16.78 -10.67 -11.44
CA ILE A 51 16.25 -9.71 -12.41
C ILE A 51 16.28 -8.30 -11.83
N GLN A 52 16.46 -8.18 -10.52
CA GLN A 52 16.48 -6.88 -9.85
C GLN A 52 17.65 -6.03 -10.38
N HIS A 53 18.65 -6.68 -10.97
CA HIS A 53 19.79 -5.99 -11.54
C HIS A 53 19.35 -5.01 -12.63
N PHE A 54 18.29 -5.38 -13.38
CA PHE A 54 17.87 -4.55 -14.49
C PHE A 54 16.45 -4.03 -14.30
N VAL A 55 15.73 -4.56 -13.29
CA VAL A 55 14.35 -4.14 -13.06
C VAL A 55 14.36 -3.00 -12.04
N GLU A 56 13.81 -1.84 -12.44
CA GLU A 56 13.69 -0.69 -11.57
C GLU A 56 12.52 -0.90 -10.61
N LYS A 57 11.36 -1.26 -11.17
CA LYS A 57 10.16 -1.54 -10.39
C LYS A 57 9.17 -2.29 -11.28
N VAL A 58 8.18 -2.92 -10.64
CA VAL A 58 7.07 -3.52 -11.35
C VAL A 58 5.79 -2.85 -10.85
N VAL A 59 4.94 -2.46 -11.79
CA VAL A 59 3.67 -1.84 -11.45
C VAL A 59 2.55 -2.78 -11.90
N PHE A 60 1.69 -3.14 -10.95
CA PHE A 60 0.52 -3.99 -11.21
C PHE A 60 -0.73 -3.12 -11.17
N HIS A 61 -1.38 -2.98 -12.32
CA HIS A 61 -2.55 -2.12 -12.44
C HIS A 61 -3.81 -2.91 -12.11
N LEU A 62 -4.26 -2.83 -10.86
CA LEU A 62 -5.43 -3.59 -10.44
C LEU A 62 -6.70 -2.90 -10.95
N HIS A 63 -7.80 -3.67 -10.97
CA HIS A 63 -9.11 -3.17 -11.33
C HIS A 63 -9.49 -2.02 -10.39
N GLU A 64 -10.18 -1.02 -10.94
CA GLU A 64 -10.45 0.26 -10.29
C GLU A 64 -11.20 0.05 -8.96
N SER A 65 -11.83 -1.11 -8.80
CA SER A 65 -12.62 -1.41 -7.61
C SER A 65 -11.71 -1.66 -6.40
N PHE A 66 -10.43 -1.91 -6.65
CA PHE A 66 -9.47 -2.08 -5.56
C PHE A 66 -9.00 -0.73 -5.05
N PRO A 67 -8.79 -0.57 -3.72
CA PRO A 67 -8.15 0.64 -3.20
C PRO A 67 -6.68 0.67 -3.64
N ARG A 68 -6.18 1.87 -3.91
CA ARG A 68 -4.79 2.09 -4.30
C ARG A 68 -4.42 1.16 -5.45
N PRO A 69 -5.15 1.21 -6.60
CA PRO A 69 -5.07 0.15 -7.60
C PRO A 69 -3.76 0.02 -8.37
N LYS A 70 -2.96 1.08 -8.38
CA LYS A 70 -1.68 1.05 -9.08
C LYS A 70 -0.59 0.58 -8.12
N ARG A 71 -0.47 -0.75 -7.97
CA ARG A 71 0.40 -1.32 -6.96
C ARG A 71 1.84 -1.35 -7.48
N VAL A 72 2.77 -0.89 -6.65
CA VAL A 72 4.15 -0.70 -7.07
C VAL A 72 5.06 -1.60 -6.22
N CYS A 73 5.92 -2.37 -6.90
CA CYS A 73 6.92 -3.15 -6.22
C CYS A 73 8.30 -2.74 -6.73
N LYS A 74 9.10 -2.13 -5.85
CA LYS A 74 10.42 -1.62 -6.23
C LYS A 74 11.50 -2.66 -5.97
N ASP A 75 11.18 -3.64 -5.12
CA ASP A 75 12.14 -4.67 -4.73
C ASP A 75 11.48 -6.03 -4.85
N PRO A 76 12.24 -7.12 -5.17
CA PRO A 76 11.69 -8.47 -5.17
C PRO A 76 11.25 -8.88 -3.77
N PRO A 77 10.21 -9.75 -3.62
CA PRO A 77 9.49 -10.30 -4.76
C PRO A 77 8.55 -9.28 -5.37
N TYR A 78 8.36 -9.34 -6.69
CA TYR A 78 7.39 -8.48 -7.36
C TYR A 78 6.06 -9.21 -7.43
N LYS A 79 5.19 -8.96 -6.46
CA LYS A 79 3.92 -9.66 -6.42
C LYS A 79 2.90 -8.88 -5.60
N VAL A 80 1.62 -9.16 -5.87
CA VAL A 80 0.50 -8.62 -5.12
C VAL A 80 -0.34 -9.80 -4.63
N GLU A 81 -0.69 -9.75 -3.33
CA GLU A 81 -1.54 -10.75 -2.70
C GLU A 81 -2.85 -10.04 -2.32
N GLU A 82 -3.97 -10.55 -2.84
CA GLU A 82 -5.24 -9.88 -2.65
C GLU A 82 -6.38 -10.89 -2.51
N SER A 83 -7.55 -10.36 -2.15
CA SER A 83 -8.80 -11.08 -2.12
C SER A 83 -9.81 -10.34 -2.99
N GLY A 84 -10.67 -11.09 -3.68
CA GLY A 84 -11.69 -10.48 -4.52
C GLY A 84 -12.82 -11.45 -4.85
N TYR A 85 -13.66 -11.05 -5.81
CA TYR A 85 -14.82 -11.84 -6.19
C TYR A 85 -14.77 -12.23 -7.66
N ALA A 86 -13.85 -11.63 -8.43
CA ALA A 86 -13.79 -11.90 -9.86
C ALA A 86 -12.41 -11.55 -10.43
N GLY A 87 -12.09 -12.17 -11.58
CA GLY A 87 -10.87 -11.89 -12.30
C GLY A 87 -11.05 -10.77 -13.32
N PHE A 88 -9.94 -10.33 -13.90
CA PHE A 88 -9.91 -9.17 -14.78
C PHE A 88 -8.58 -9.13 -15.54
N ILE A 89 -8.52 -8.29 -16.58
CA ILE A 89 -7.28 -7.97 -17.24
C ILE A 89 -6.49 -7.04 -16.31
N LEU A 90 -5.25 -7.44 -16.02
CA LEU A 90 -4.39 -6.74 -15.08
C LEU A 90 -3.13 -6.32 -15.83
N PRO A 91 -3.05 -5.06 -16.32
CA PRO A 91 -1.84 -4.57 -16.97
C PRO A 91 -0.64 -4.55 -16.00
N ILE A 92 0.48 -5.07 -16.48
CA ILE A 92 1.70 -5.13 -15.69
C ILE A 92 2.78 -4.36 -16.45
N GLU A 93 3.41 -3.40 -15.75
CA GLU A 93 4.52 -2.67 -16.34
C GLU A 93 5.80 -3.04 -15.60
N VAL A 94 6.81 -3.48 -16.37
CA VAL A 94 8.14 -3.73 -15.85
C VAL A 94 9.03 -2.59 -16.31
N TYR A 95 9.53 -1.81 -15.34
CA TYR A 95 10.41 -0.67 -15.62
C TYR A 95 11.87 -1.13 -15.55
N PHE A 96 12.70 -0.55 -16.42
CA PHE A 96 14.09 -0.96 -16.53
C PHE A 96 15.02 0.09 -15.92
N LYS A 97 16.16 -0.38 -15.39
CA LYS A 97 17.23 0.48 -14.93
C LYS A 97 18.06 0.92 -16.13
N ASN A 98 17.42 1.69 -17.02
CA ASN A 98 17.93 1.99 -18.35
C ASN A 98 17.79 3.49 -18.60
N LYS A 99 18.79 4.08 -19.27
CA LYS A 99 18.81 5.51 -19.53
C LYS A 99 18.18 5.80 -20.89
N GLU A 100 18.26 4.81 -21.80
CA GLU A 100 17.72 4.96 -23.14
C GLU A 100 16.41 4.18 -23.25
N GLU A 101 15.80 4.22 -24.44
CA GLU A 101 14.63 3.42 -24.74
C GLU A 101 15.08 1.98 -25.02
N PRO A 102 14.27 0.94 -24.68
CA PRO A 102 12.97 1.14 -24.02
C PRO A 102 13.12 1.34 -22.51
N ARG A 103 12.22 2.13 -21.94
CA ARG A 103 12.25 2.45 -20.53
C ARG A 103 11.52 1.37 -19.72
N LYS A 104 10.52 0.75 -20.36
CA LYS A 104 9.67 -0.22 -19.70
C LYS A 104 9.03 -1.14 -20.75
N VAL A 105 8.40 -2.21 -20.26
CA VAL A 105 7.58 -3.08 -21.11
C VAL A 105 6.24 -3.29 -20.39
N ARG A 106 5.17 -3.43 -21.19
CA ARG A 106 3.84 -3.64 -20.64
C ARG A 106 3.28 -4.97 -21.13
N PHE A 107 2.65 -5.69 -20.19
CA PHE A 107 1.91 -6.91 -20.50
C PHE A 107 0.50 -6.76 -19.96
N ASP A 108 -0.49 -7.17 -20.76
CA ASP A 108 -1.86 -7.27 -20.28
C ASP A 108 -2.05 -8.69 -19.73
N TYR A 109 -2.07 -8.82 -18.40
CA TYR A 109 -2.12 -10.14 -17.80
C TYR A 109 -3.57 -10.53 -17.51
N ASP A 110 -3.92 -11.76 -17.89
CA ASP A 110 -5.24 -12.31 -17.68
C ASP A 110 -5.32 -12.98 -16.30
N LEU A 111 -5.71 -12.20 -15.28
CA LEU A 111 -5.88 -12.71 -13.93
C LEU A 111 -7.25 -13.39 -13.81
N PHE A 112 -7.34 -14.62 -14.32
CA PHE A 112 -8.60 -15.33 -14.33
C PHE A 112 -8.76 -16.11 -13.03
N LEU A 113 -10.02 -16.22 -12.57
CA LEU A 113 -10.34 -17.02 -11.40
C LEU A 113 -11.27 -18.15 -11.82
N HIS A 114 -11.06 -19.35 -11.26
CA HIS A 114 -11.94 -20.49 -11.50
C HIS A 114 -13.13 -20.43 -10.56
N LEU A 115 -14.21 -21.11 -10.95
CA LEU A 115 -15.44 -21.18 -10.17
C LEU A 115 -15.22 -22.10 -8.96
N GLU A 116 -16.09 -21.94 -7.95
CA GLU A 116 -16.09 -22.83 -6.79
C GLU A 116 -16.57 -24.20 -7.23
N GLY A 117 -15.85 -25.24 -6.79
CA GLY A 117 -16.10 -26.61 -7.21
C GLY A 117 -15.11 -27.05 -8.29
N HIS A 118 -14.33 -26.07 -8.79
CA HIS A 118 -13.29 -26.32 -9.76
C HIS A 118 -11.92 -26.22 -9.08
N PRO A 119 -10.86 -26.86 -9.62
CA PRO A 119 -9.54 -26.79 -8.99
C PRO A 119 -8.98 -25.37 -9.00
N PRO A 120 -8.02 -25.03 -8.09
CA PRO A 120 -7.49 -23.68 -8.02
C PRO A 120 -6.66 -23.35 -9.26
N VAL A 121 -6.39 -22.06 -9.45
CA VAL A 121 -5.56 -21.60 -10.56
C VAL A 121 -4.10 -21.65 -10.11
N ASN A 122 -3.23 -22.11 -11.02
CA ASN A 122 -1.80 -21.99 -10.91
C ASN A 122 -1.23 -21.83 -12.32
N HIS A 123 -1.10 -20.57 -12.75
CA HIS A 123 -0.78 -20.25 -14.13
C HIS A 123 0.63 -19.64 -14.20
N LEU A 124 1.35 -19.97 -15.29
CA LEU A 124 2.64 -19.40 -15.56
C LEU A 124 2.68 -18.97 -17.03
N ARG A 125 3.12 -17.73 -17.26
CA ARG A 125 3.23 -17.17 -18.59
C ARG A 125 4.67 -16.69 -18.79
N CYS A 126 5.35 -17.26 -19.79
CA CYS A 126 6.73 -16.91 -20.04
C CYS A 126 6.81 -15.76 -21.04
N GLU A 127 7.74 -14.84 -20.78
CA GLU A 127 7.92 -13.67 -21.62
C GLU A 127 9.42 -13.46 -21.84
N LYS A 128 9.82 -13.44 -23.12
CA LYS A 128 11.20 -13.24 -23.50
C LYS A 128 11.35 -11.78 -23.96
N LEU A 129 12.32 -11.06 -23.39
CA LEU A 129 12.61 -9.72 -23.85
C LEU A 129 13.93 -9.75 -24.62
N THR A 130 14.02 -8.92 -25.67
CA THR A 130 15.23 -8.79 -26.46
C THR A 130 15.64 -7.33 -26.52
N PHE A 131 16.90 -7.07 -26.14
CA PHE A 131 17.50 -5.76 -26.24
C PHE A 131 18.62 -5.81 -27.28
N ASN A 132 18.44 -5.07 -28.37
CA ASN A 132 19.44 -5.00 -29.43
C ASN A 132 20.39 -3.85 -29.14
N ASN A 133 21.68 -4.19 -28.99
CA ASN A 133 22.75 -3.23 -28.79
C ASN A 133 22.39 -2.27 -27.66
N PRO A 134 22.19 -2.76 -26.40
CA PRO A 134 21.95 -1.86 -25.28
C PRO A 134 23.23 -1.10 -24.96
N THR A 135 23.11 -0.05 -24.13
CA THR A 135 24.26 0.66 -23.61
C THR A 135 25.10 -0.29 -22.76
N GLU A 136 26.40 0.01 -22.68
CA GLU A 136 27.35 -0.78 -21.91
C GLU A 136 26.81 -1.01 -20.50
N ASP A 137 26.28 0.06 -19.88
CA ASP A 137 25.85 0.05 -18.49
C ASP A 137 24.62 -0.83 -18.33
N PHE A 138 23.69 -0.76 -19.29
CA PHE A 138 22.47 -1.54 -19.23
C PHE A 138 22.76 -3.01 -19.55
N ARG A 139 23.70 -3.24 -20.49
CA ARG A 139 24.13 -4.56 -20.89
C ARG A 139 24.71 -5.29 -19.69
N ARG A 140 25.51 -4.57 -18.89
CA ARG A 140 26.11 -5.08 -17.67
C ARG A 140 24.99 -5.54 -16.73
N LYS A 141 23.96 -4.71 -16.57
CA LYS A 141 22.86 -4.98 -15.67
C LYS A 141 22.10 -6.22 -16.14
N LEU A 142 21.80 -6.28 -17.44
CA LEU A 142 20.99 -7.35 -18.01
C LEU A 142 21.67 -8.70 -17.80
N LEU A 143 22.99 -8.74 -18.02
CA LEU A 143 23.73 -9.99 -18.08
C LEU A 143 24.03 -10.52 -16.67
N LYS A 144 23.79 -9.70 -15.64
CA LYS A 144 23.94 -10.15 -14.28
C LYS A 144 22.73 -10.99 -13.87
N ALA A 145 21.59 -10.75 -14.52
CA ALA A 145 20.33 -11.41 -14.19
C ALA A 145 20.33 -12.85 -14.68
N GLY B 7 -22.68 7.97 44.12
CA GLY B 7 -22.28 7.49 42.78
C GLY B 7 -23.39 6.69 42.10
N MET B 8 -24.33 6.19 42.91
CA MET B 8 -25.36 5.26 42.45
C MET B 8 -26.40 5.98 41.60
N ALA B 9 -26.66 7.25 41.91
CA ALA B 9 -27.71 8.00 41.22
C ALA B 9 -27.24 8.46 39.84
N SER B 10 -25.92 8.69 39.69
CA SER B 10 -25.42 9.43 38.55
C SER B 10 -24.58 8.54 37.64
N SER B 11 -24.71 8.78 36.32
CA SER B 11 -23.87 8.16 35.31
C SER B 11 -23.38 9.22 34.34
N CYS B 12 -22.26 8.91 33.69
CA CYS B 12 -21.56 9.84 32.82
C CYS B 12 -21.23 9.17 31.49
N ALA B 13 -21.46 9.91 30.40
CA ALA B 13 -20.95 9.55 29.09
C ALA B 13 -20.14 10.72 28.54
N VAL B 14 -18.84 10.49 28.34
CA VAL B 14 -17.93 11.51 27.86
C VAL B 14 -17.59 11.21 26.40
N GLN B 15 -17.80 12.20 25.54
CA GLN B 15 -17.55 12.08 24.11
C GLN B 15 -16.36 12.95 23.75
N VAL B 16 -15.43 12.41 22.95
CA VAL B 16 -14.29 13.16 22.48
C VAL B 16 -14.14 13.03 20.97
N LYS B 17 -13.77 14.14 20.33
CA LYS B 17 -13.65 14.20 18.88
C LYS B 17 -12.17 14.18 18.50
N LEU B 18 -11.81 13.28 17.59
CA LEU B 18 -10.48 13.26 17.01
C LEU B 18 -10.60 13.53 15.51
N GLU B 19 -9.59 14.20 14.97
CA GLU B 19 -9.45 14.33 13.53
C GLU B 19 -8.20 13.57 13.10
N LEU B 20 -8.38 12.61 12.18
CA LEU B 20 -7.29 11.97 11.48
C LEU B 20 -7.25 12.55 10.07
N GLY B 21 -6.05 12.68 9.51
CA GLY B 21 -5.97 13.23 8.17
C GLY B 21 -4.56 13.15 7.60
N HIS B 22 -4.45 13.45 6.31
CA HIS B 22 -3.15 13.46 5.67
C HIS B 22 -3.13 14.39 4.45
N ARG B 23 -1.91 14.82 4.13
CA ARG B 23 -1.63 15.52 2.91
C ARG B 23 -0.60 14.69 2.15
N ALA B 24 -0.73 14.65 0.83
CA ALA B 24 0.24 13.97 -0.02
C ALA B 24 0.35 14.74 -1.34
N GLN B 25 1.58 15.07 -1.72
CA GLN B 25 1.83 15.88 -2.90
C GLN B 25 3.06 15.34 -3.64
N VAL B 26 3.07 15.52 -4.97
CA VAL B 26 4.18 15.10 -5.80
C VAL B 26 5.35 16.08 -5.60
N ARG B 27 6.54 15.51 -5.37
CA ARG B 27 7.75 16.30 -5.19
C ARG B 27 8.16 16.94 -6.51
N LYS B 28 8.77 18.12 -6.40
CA LYS B 28 9.36 18.83 -7.53
C LYS B 28 10.40 17.95 -8.20
N LYS B 29 11.23 17.29 -7.38
CA LYS B 29 12.21 16.32 -7.86
C LYS B 29 12.18 15.11 -6.94
N PRO B 30 12.13 13.86 -7.49
CA PRO B 30 12.15 12.66 -6.65
C PRO B 30 13.48 12.49 -5.93
N THR B 31 13.45 11.80 -4.79
CA THR B 31 14.65 11.55 -4.00
C THR B 31 15.53 10.54 -4.72
N VAL B 32 16.73 10.34 -4.18
CA VAL B 32 17.73 9.42 -4.74
C VAL B 32 17.17 7.99 -4.72
N GLU B 33 16.25 7.71 -3.78
CA GLU B 33 15.66 6.39 -3.67
C GLU B 33 14.51 6.25 -4.65
N GLY B 34 14.16 7.35 -5.32
CA GLY B 34 13.02 7.37 -6.23
C GLY B 34 11.70 7.59 -5.51
N PHE B 35 11.75 8.28 -4.36
CA PHE B 35 10.53 8.69 -3.67
C PHE B 35 9.96 9.90 -4.37
N THR B 36 8.72 9.78 -4.85
CA THR B 36 8.12 10.75 -5.74
C THR B 36 7.18 11.70 -5.01
N HIS B 37 6.77 11.31 -3.78
CA HIS B 37 5.77 12.05 -3.03
C HIS B 37 6.29 12.43 -1.65
N ASP B 38 5.88 13.62 -1.19
CA ASP B 38 6.00 14.00 0.21
C ASP B 38 4.62 13.88 0.85
N TRP B 39 4.57 13.28 2.04
CA TRP B 39 3.29 13.19 2.72
C TRP B 39 3.42 13.44 4.22
N MET B 40 2.27 13.70 4.86
CA MET B 40 2.18 14.01 6.27
C MET B 40 0.85 13.46 6.78
N VAL B 41 0.91 12.66 7.85
CA VAL B 41 -0.27 12.09 8.46
C VAL B 41 -0.33 12.58 9.90
N PHE B 42 -1.55 12.77 10.43
CA PHE B 42 -1.67 13.35 11.76
C PHE B 42 -2.92 12.85 12.48
N VAL B 43 -2.89 12.96 13.81
CA VAL B 43 -4.05 12.86 14.68
C VAL B 43 -4.09 14.12 15.53
N ARG B 44 -5.26 14.76 15.59
CA ARG B 44 -5.43 15.96 16.37
C ARG B 44 -6.85 16.05 16.92
N GLY B 45 -7.05 16.99 17.86
CA GLY B 45 -8.38 17.39 18.27
C GLY B 45 -8.93 18.46 17.34
N PRO B 46 -10.27 18.67 17.28
CA PRO B 46 -10.84 19.75 16.47
C PRO B 46 -10.60 21.10 17.13
N GLU B 47 -10.44 22.14 16.29
CA GLU B 47 -10.42 23.54 16.70
C GLU B 47 -9.35 23.79 17.76
N HIS B 48 -8.14 23.26 17.53
CA HIS B 48 -6.96 23.53 18.34
C HIS B 48 -7.16 23.08 19.79
N SER B 49 -7.96 22.04 20.01
CA SER B 49 -8.16 21.48 21.34
C SER B 49 -6.93 20.65 21.73
N ASN B 50 -6.64 20.61 23.03
CA ASN B 50 -5.45 19.96 23.54
C ASN B 50 -5.80 18.54 24.00
N ILE B 51 -5.58 17.56 23.13
CA ILE B 51 -5.93 16.18 23.40
C ILE B 51 -4.86 15.50 24.26
N GLN B 52 -3.72 16.19 24.45
CA GLN B 52 -2.62 15.63 25.22
C GLN B 52 -3.05 15.36 26.66
N HIS B 53 -4.10 16.06 27.12
CA HIS B 53 -4.65 15.84 28.45
C HIS B 53 -4.94 14.35 28.67
N PHE B 54 -5.45 13.68 27.62
CA PHE B 54 -5.93 12.31 27.78
C PHE B 54 -5.18 11.33 26.89
N VAL B 55 -4.38 11.84 25.95
CA VAL B 55 -3.63 10.98 25.04
C VAL B 55 -2.24 10.74 25.61
N GLU B 56 -1.92 9.46 25.83
CA GLU B 56 -0.59 9.04 26.28
C GLU B 56 0.41 9.16 25.14
N LYS B 57 0.09 8.55 24.00
CA LYS B 57 0.93 8.57 22.82
C LYS B 57 0.10 8.14 21.60
N VAL B 58 0.62 8.45 20.41
CA VAL B 58 0.03 7.98 19.17
C VAL B 58 1.11 7.20 18.43
N VAL B 59 0.74 6.00 17.99
CA VAL B 59 1.65 5.14 17.24
C VAL B 59 1.15 5.03 15.81
N PHE B 60 2.01 5.39 14.86
CA PHE B 60 1.74 5.30 13.44
C PHE B 60 2.52 4.11 12.88
N HIS B 61 1.80 3.06 12.47
CA HIS B 61 2.40 1.84 11.96
C HIS B 61 2.62 1.97 10.45
N LEU B 62 3.82 2.41 10.06
CA LEU B 62 4.15 2.61 8.67
C LEU B 62 4.38 1.26 7.98
N HIS B 63 4.34 1.29 6.64
CA HIS B 63 4.66 0.14 5.81
C HIS B 63 6.08 -0.35 6.12
N GLU B 64 6.27 -1.67 6.03
CA GLU B 64 7.51 -2.33 6.44
C GLU B 64 8.72 -1.81 5.68
N SER B 65 8.49 -1.23 4.49
CA SER B 65 9.56 -0.71 3.65
C SER B 65 10.18 0.54 4.25
N PHE B 66 9.50 1.14 5.24
CA PHE B 66 10.06 2.29 5.93
C PHE B 66 10.97 1.85 7.06
N PRO B 67 12.11 2.55 7.31
CA PRO B 67 12.94 2.26 8.48
C PRO B 67 12.19 2.66 9.75
N ARG B 68 12.41 1.89 10.82
CA ARG B 68 11.81 2.12 12.13
C ARG B 68 10.31 2.38 11.96
N PRO B 69 9.56 1.44 11.34
CA PRO B 69 8.22 1.74 10.82
C PRO B 69 7.15 2.02 11.88
N LYS B 70 7.39 1.53 13.11
CA LYS B 70 6.47 1.76 14.22
C LYS B 70 6.81 3.10 14.86
N ARG B 71 6.26 4.19 14.29
CA ARG B 71 6.59 5.54 14.72
C ARG B 71 5.78 5.92 15.95
N VAL B 72 6.45 6.52 16.95
CA VAL B 72 5.82 6.85 18.23
C VAL B 72 5.89 8.35 18.44
N CYS B 73 4.72 8.97 18.67
CA CYS B 73 4.64 10.37 19.04
C CYS B 73 4.07 10.48 20.46
N LYS B 74 4.92 10.87 21.41
CA LYS B 74 4.50 10.98 22.81
C LYS B 74 3.94 12.37 23.10
N ASP B 75 4.33 13.36 22.28
CA ASP B 75 3.92 14.74 22.50
C ASP B 75 3.34 15.30 21.21
N PRO B 76 2.36 16.24 21.27
CA PRO B 76 1.83 16.89 20.08
C PRO B 76 2.88 17.80 19.43
N PRO B 77 2.79 18.06 18.09
CA PRO B 77 1.75 17.48 17.25
C PRO B 77 1.99 15.98 17.00
N TYR B 78 0.91 15.21 16.96
CA TYR B 78 0.98 13.79 16.66
C TYR B 78 0.93 13.63 15.15
N LYS B 79 2.11 13.54 14.52
CA LYS B 79 2.19 13.54 13.07
C LYS B 79 3.50 12.91 12.59
N VAL B 80 3.44 12.33 11.38
CA VAL B 80 4.61 11.80 10.71
C VAL B 80 4.75 12.50 9.37
N GLU B 81 5.96 12.98 9.08
CA GLU B 81 6.28 13.60 7.81
C GLU B 81 7.26 12.68 7.07
N GLU B 82 6.88 12.24 5.87
CA GLU B 82 7.69 11.26 5.18
C GLU B 82 7.65 11.50 3.67
N SER B 83 8.59 10.85 2.97
CA SER B 83 8.58 10.76 1.52
C SER B 83 8.44 9.29 1.13
N GLY B 84 7.84 9.05 -0.04
CA GLY B 84 7.62 7.70 -0.53
C GLY B 84 7.18 7.66 -1.99
N TYR B 85 6.76 6.47 -2.44
CA TYR B 85 6.41 6.28 -3.84
C TYR B 85 4.99 5.73 -3.98
N ALA B 86 4.35 5.36 -2.88
CA ALA B 86 3.02 4.75 -2.92
C ALA B 86 2.34 4.84 -1.56
N GLY B 87 1.00 4.78 -1.58
CA GLY B 87 0.20 4.81 -0.37
C GLY B 87 -0.05 3.40 0.16
N PHE B 88 -0.67 3.33 1.35
CA PHE B 88 -0.87 2.06 2.03
C PHE B 88 -1.83 2.26 3.20
N ILE B 89 -2.35 1.14 3.73
CA ILE B 89 -3.09 1.14 4.98
C ILE B 89 -2.09 1.36 6.10
N LEU B 90 -2.38 2.35 6.95
CA LEU B 90 -1.51 2.79 8.02
C LEU B 90 -2.28 2.69 9.32
N PRO B 91 -2.14 1.58 10.10
CA PRO B 91 -2.77 1.47 11.41
C PRO B 91 -2.28 2.54 12.39
N ILE B 92 -3.25 3.25 12.97
CA ILE B 92 -2.95 4.28 13.94
C ILE B 92 -3.54 3.83 15.28
N GLU B 93 -2.69 3.83 16.31
CA GLU B 93 -3.14 3.54 17.66
C GLU B 93 -3.02 4.81 18.50
N VAL B 94 -4.13 5.20 19.13
CA VAL B 94 -4.15 6.28 20.10
C VAL B 94 -4.25 5.67 21.49
N TYR B 95 -3.19 5.85 22.29
CA TYR B 95 -3.14 5.35 23.66
C TYR B 95 -3.68 6.42 24.60
N PHE B 96 -4.44 5.98 25.61
CA PHE B 96 -5.07 6.88 26.57
C PHE B 96 -4.35 6.82 27.92
N LYS B 97 -4.40 7.94 28.64
CA LYS B 97 -3.86 8.03 29.98
C LYS B 97 -4.89 7.47 30.97
N ASN B 98 -5.18 6.18 30.83
CA ASN B 98 -6.27 5.52 31.52
C ASN B 98 -5.77 4.23 32.16
N LYS B 99 -6.12 4.03 33.44
CA LYS B 99 -5.72 2.86 34.19
C LYS B 99 -6.65 1.69 33.85
N GLU B 100 -7.90 2.02 33.50
CA GLU B 100 -8.91 1.03 33.15
C GLU B 100 -8.96 0.86 31.64
N GLU B 101 -9.82 -0.06 31.19
CA GLU B 101 -10.11 -0.28 29.78
C GLU B 101 -11.11 0.80 29.33
N PRO B 102 -11.06 1.25 28.05
CA PRO B 102 -10.04 0.84 27.09
C PRO B 102 -8.73 1.60 27.25
N ARG B 103 -7.62 0.91 26.95
CA ARG B 103 -6.29 1.47 27.08
C ARG B 103 -5.91 2.25 25.82
N LYS B 104 -6.51 1.86 24.68
CA LYS B 104 -6.17 2.45 23.39
C LYS B 104 -7.29 2.19 22.40
N VAL B 105 -7.23 2.91 21.27
CA VAL B 105 -8.12 2.67 20.14
C VAL B 105 -7.27 2.59 18.87
N ARG B 106 -7.71 1.73 17.93
CA ARG B 106 -6.98 1.50 16.70
C ARG B 106 -7.84 1.98 15.53
N PHE B 107 -7.19 2.63 14.57
CA PHE B 107 -7.81 3.00 13.31
C PHE B 107 -6.91 2.50 12.19
N ASP B 108 -7.52 1.88 11.17
CA ASP B 108 -6.80 1.56 9.95
C ASP B 108 -6.96 2.71 8.98
N TYR B 109 -5.92 3.53 8.84
CA TYR B 109 -6.04 4.77 8.09
C TYR B 109 -5.53 4.56 6.66
N ASP B 110 -6.33 5.03 5.70
CA ASP B 110 -6.02 4.93 4.28
C ASP B 110 -5.13 6.10 3.86
N LEU B 111 -3.81 5.86 3.89
CA LEU B 111 -2.81 6.83 3.49
C LEU B 111 -2.67 6.78 1.97
N PHE B 112 -3.65 7.33 1.25
CA PHE B 112 -3.65 7.21 -0.20
C PHE B 112 -2.92 8.40 -0.83
N LEU B 113 -2.24 8.13 -1.95
CA LEU B 113 -1.61 9.20 -2.73
C LEU B 113 -2.33 9.29 -4.07
N HIS B 114 -2.44 10.53 -4.60
CA HIS B 114 -2.90 10.71 -5.96
C HIS B 114 -1.74 10.52 -6.93
N LEU B 115 -2.07 10.25 -8.20
CA LEU B 115 -1.10 10.04 -9.26
C LEU B 115 -0.40 11.36 -9.58
N GLU B 116 0.80 11.25 -10.15
CA GLU B 116 1.50 12.38 -10.76
C GLU B 116 0.60 12.98 -11.83
N GLY B 117 0.59 14.32 -11.91
CA GLY B 117 -0.25 15.03 -12.86
C GLY B 117 -1.67 15.26 -12.33
N HIS B 118 -1.95 14.73 -11.14
CA HIS B 118 -3.21 14.96 -10.46
C HIS B 118 -2.98 15.90 -9.27
N PRO B 119 -4.05 16.54 -8.72
CA PRO B 119 -3.88 17.42 -7.56
C PRO B 119 -3.45 16.64 -6.32
N PRO B 120 -2.84 17.33 -5.32
CA PRO B 120 -2.49 16.70 -4.04
C PRO B 120 -3.70 16.23 -3.23
N VAL B 121 -3.42 15.35 -2.26
CA VAL B 121 -4.40 14.86 -1.31
C VAL B 121 -4.46 15.82 -0.12
N ASN B 122 -5.68 16.14 0.32
CA ASN B 122 -5.91 16.88 1.55
C ASN B 122 -7.08 16.25 2.29
N HIS B 123 -6.84 15.11 2.94
CA HIS B 123 -7.91 14.26 3.45
C HIS B 123 -8.11 14.48 4.94
N LEU B 124 -9.39 14.52 5.34
CA LEU B 124 -9.74 14.57 6.75
C LEU B 124 -10.76 13.49 7.08
N ARG B 125 -10.54 12.82 8.22
CA ARG B 125 -11.39 11.77 8.72
C ARG B 125 -11.69 12.08 10.19
N CYS B 126 -12.98 12.21 10.51
CA CYS B 126 -13.40 12.56 11.86
C CYS B 126 -13.81 11.30 12.60
N GLU B 127 -13.34 11.19 13.85
CA GLU B 127 -13.62 10.02 14.69
C GLU B 127 -14.14 10.48 16.05
N LYS B 128 -15.26 9.89 16.45
CA LYS B 128 -15.94 10.20 17.70
C LYS B 128 -15.74 9.03 18.67
N LEU B 129 -15.19 9.32 19.85
CA LEU B 129 -14.99 8.31 20.86
C LEU B 129 -15.93 8.57 22.04
N THR B 130 -16.55 7.50 22.54
CA THR B 130 -17.45 7.60 23.67
C THR B 130 -16.92 6.75 24.83
N PHE B 131 -16.80 7.39 26.00
CA PHE B 131 -16.39 6.73 27.23
C PHE B 131 -17.54 6.79 28.23
N ASN B 132 -18.08 5.60 28.54
CA ASN B 132 -19.18 5.46 29.49
C ASN B 132 -18.62 5.19 30.89
N ASN B 133 -18.96 6.07 31.83
CA ASN B 133 -18.55 5.99 33.23
C ASN B 133 -17.04 5.79 33.31
N PRO B 134 -16.21 6.75 32.85
CA PRO B 134 -14.76 6.65 33.04
C PRO B 134 -14.43 6.87 34.52
N THR B 135 -13.22 6.45 34.92
CA THR B 135 -12.72 6.73 36.26
C THR B 135 -12.69 8.24 36.46
N GLU B 136 -12.72 8.65 37.74
CA GLU B 136 -12.70 10.05 38.12
C GLU B 136 -11.48 10.74 37.51
N ASP B 137 -10.33 10.05 37.54
CA ASP B 137 -9.07 10.59 37.08
C ASP B 137 -9.11 10.78 35.56
N PHE B 138 -9.60 9.77 34.85
CA PHE B 138 -9.64 9.79 33.40
C PHE B 138 -10.69 10.80 32.92
N ARG B 139 -11.80 10.89 33.65
CA ARG B 139 -12.88 11.80 33.30
C ARG B 139 -12.37 13.24 33.34
N ARG B 140 -11.54 13.55 34.34
CA ARG B 140 -10.99 14.88 34.52
C ARG B 140 -10.07 15.23 33.35
N LYS B 141 -9.28 14.23 32.92
CA LYS B 141 -8.35 14.39 31.81
C LYS B 141 -9.13 14.65 30.53
N LEU B 142 -10.16 13.82 30.28
CA LEU B 142 -10.96 13.89 29.07
C LEU B 142 -11.59 15.28 28.94
N LEU B 143 -12.15 15.79 30.03
CA LEU B 143 -12.98 16.99 30.01
C LEU B 143 -12.13 18.25 30.00
N LYS B 144 -10.82 18.10 30.19
CA LYS B 144 -9.88 19.21 30.04
C LYS B 144 -9.58 19.44 28.55
N ALA B 145 -9.72 18.38 27.75
CA ALA B 145 -9.49 18.46 26.31
C ALA B 145 -10.68 19.12 25.62
N LYS C 1 -16.72 -1.26 -18.76
CA LYS C 1 -17.56 -1.62 -17.58
C LYS C 1 -17.94 -3.11 -17.66
N GLY C 2 -18.14 -3.71 -16.48
CA GLY C 2 -18.45 -5.12 -16.37
C GLY C 2 -17.29 -5.99 -16.83
N GLY C 3 -16.07 -5.57 -16.47
CA GLY C 3 -14.85 -6.25 -16.85
C GLY C 3 -14.54 -7.45 -15.95
N GLY C 5 -14.91 -10.77 -14.04
CA GLY C 5 -15.63 -11.99 -14.34
C GLY C 5 -14.97 -13.24 -13.77
N LEU C 6 -15.76 -14.31 -13.63
CA LEU C 6 -15.32 -15.60 -13.12
C LEU C 6 -15.22 -16.59 -14.28
N GLY C 7 -14.37 -17.62 -14.12
CA GLY C 7 -14.10 -18.60 -15.15
C GLY C 7 -13.02 -18.11 -16.10
N GLY C 9 -12.97 -19.02 -19.65
CA GLY C 9 -13.62 -18.78 -20.93
C GLY C 9 -12.60 -18.68 -22.07
N GLY C 10 -13.00 -18.01 -23.15
CA GLY C 10 -12.11 -17.69 -24.25
C GLY C 10 -11.89 -18.87 -25.19
N LYS D 1 1.51 -8.71 0.72
CA LYS D 1 2.53 -8.31 -0.29
C LYS D 1 1.87 -7.49 -1.39
N GLY D 2 2.63 -6.52 -1.93
CA GLY D 2 2.14 -5.57 -2.92
C GLY D 2 1.00 -4.73 -2.35
N GLY D 3 1.17 -4.28 -1.10
CA GLY D 3 0.18 -3.46 -0.42
C GLY D 3 0.34 -1.98 -0.77
N GLY D 5 0.35 1.06 -3.05
CA GLY D 5 -0.33 1.39 -4.30
C GLY D 5 -0.56 2.88 -4.46
N LEU D 6 -0.72 3.32 -5.72
CA LEU D 6 -0.99 4.71 -6.06
C LEU D 6 -2.44 4.86 -6.47
N GLY D 7 -2.96 6.09 -6.33
CA GLY D 7 -4.35 6.41 -6.64
C GLY D 7 -5.26 6.14 -5.45
N GLY D 9 -8.64 4.87 -5.80
CA GLY D 9 -9.37 3.63 -6.06
C GLY D 9 -10.68 3.57 -5.30
N GLY D 10 -11.19 2.35 -5.11
CA GLY D 10 -12.40 2.12 -4.33
C GLY D 10 -13.64 2.03 -5.21
#